data_1O3R
#
_entry.id   1O3R
#
_cell.length_a   76.900
_cell.length_b   76.900
_cell.length_c   143.640
_cell.angle_alpha   90.00
_cell.angle_beta   90.00
_cell.angle_gamma   120.00
#
_symmetry.space_group_name_H-M   'P 31 2 1'
#
loop_
_entity.id
_entity.type
_entity.pdbx_description
1 polymer "5'-D(*AP*AP*AP*AP*AP*TP*GP*CP*GP*AP*T)-3'"
2 polymer "5'-D(*CP*TP*AP*GP*AP*TP*CP*GP*CP*AP*TP*TP*TP*TP*T)-3'"
3 polymer 'CATABOLITE GENE ACTIVATOR PROTEIN'
4 non-polymer "ADENOSINE-3',5'-CYCLIC-MONOPHOSPHATE"
5 water water
#
loop_
_entity_poly.entity_id
_entity_poly.type
_entity_poly.pdbx_seq_one_letter_code
_entity_poly.pdbx_strand_id
1 'polydeoxyribonucleotide' (DA)(DA)(DA)(DA)(DA)(DT)(DG)(DC)(DG)(DA)(DT) B
2 'polydeoxyribonucleotide' (DC)(DT)(DA)(DG)(DA)(DT)(DC)(DG)(DC)(DA)(DT)(DT)(DT)(DT)(DT) C
3 'polypeptide(L)'
;DPTLEWFLSHCHIHKYPSKSTLIHQGEKAETLYYIVKGSVAVLIKDEEGKEMILSYLNQGDFIGELGLFEEGQERSAWVR
AKTACEVAEISYKKFRQLIQVNPDILMRLSAQMARRLQVTSEKVGNLAFLDVTGRIAQTLLNLAKQPDAMTHPDGMQIKI
TRQEIGQIVGCSRETVGRILKMLEDQNLISAHGKTIVVYG
;
A
#
loop_
_chem_comp.id
_chem_comp.type
_chem_comp.name
_chem_comp.formula
CMP non-polymer ADENOSINE-3',5'-CYCLIC-MONOPHOSPHATE 'C10 H12 N5 O6 P'
DA DNA linking 2'-DEOXYADENOSINE-5'-MONOPHOSPHATE 'C10 H14 N5 O6 P'
DC DNA linking 2'-DEOXYCYTIDINE-5'-MONOPHOSPHATE 'C9 H14 N3 O7 P'
DG DNA linking 2'-DEOXYGUANOSINE-5'-MONOPHOSPHATE 'C10 H14 N5 O7 P'
DT DNA linking THYMIDINE-5'-MONOPHOSPHATE 'C10 H15 N2 O8 P'
#
# COMPACT_ATOMS: atom_id res chain seq x y z
N ASP C 1 -3.44 4.07 -22.22
CA ASP C 1 -3.02 3.16 -23.32
C ASP C 1 -4.24 2.42 -23.87
N PRO C 2 -4.10 1.92 -25.10
CA PRO C 2 -5.20 1.19 -25.75
C PRO C 2 -5.66 -0.08 -25.03
N THR C 3 -4.75 -1.00 -24.75
CA THR C 3 -5.12 -2.24 -24.07
C THR C 3 -5.76 -2.04 -22.69
N LEU C 4 -5.84 -0.79 -22.23
CA LEU C 4 -6.45 -0.56 -20.94
C LEU C 4 -7.97 -0.55 -21.07
N GLU C 5 -8.52 0.39 -21.83
CA GLU C 5 -9.97 0.45 -22.02
C GLU C 5 -10.50 -0.95 -22.36
N TRP C 6 -9.68 -1.73 -23.03
CA TRP C 6 -10.08 -3.06 -23.41
C TRP C 6 -10.24 -3.92 -22.16
N PHE C 7 -9.16 -4.04 -21.40
CA PHE C 7 -9.15 -4.83 -20.17
C PHE C 7 -10.26 -4.31 -19.27
N LEU C 8 -10.30 -2.99 -19.07
CA LEU C 8 -11.30 -2.38 -18.22
C LEU C 8 -12.71 -2.73 -18.66
N SER C 9 -12.92 -2.71 -19.97
CA SER C 9 -14.20 -3.02 -20.58
C SER C 9 -14.74 -4.38 -20.19
N HIS C 10 -13.89 -5.28 -19.68
CA HIS C 10 -14.29 -6.63 -19.28
C HIS C 10 -14.28 -6.86 -17.78
N CYS C 11 -14.38 -5.77 -17.03
CA CYS C 11 -14.35 -5.85 -15.60
C CYS C 11 -15.61 -5.31 -14.94
N HIS C 12 -15.85 -5.76 -13.71
CA HIS C 12 -16.97 -5.28 -12.93
C HIS C 12 -16.35 -4.10 -12.17
N ILE C 13 -16.94 -2.92 -12.24
CA ILE C 13 -16.39 -1.83 -11.48
C ILE C 13 -17.12 -1.78 -10.15
N HIS C 14 -16.36 -1.75 -9.06
CA HIS C 14 -16.94 -1.70 -7.73
C HIS C 14 -16.40 -0.51 -6.96
N LYS C 15 -17.15 -0.08 -5.96
CA LYS C 15 -16.73 1.02 -5.14
C LYS C 15 -16.61 0.51 -3.72
N TYR C 16 -15.66 1.07 -2.99
CA TYR C 16 -15.41 0.72 -1.60
C TYR C 16 -15.15 2.00 -0.81
N PRO C 17 -15.95 2.25 0.22
CA PRO C 17 -15.71 3.47 0.97
C PRO C 17 -14.42 3.33 1.78
N SER C 18 -13.84 4.45 2.15
CA SER C 18 -12.63 4.42 2.95
C SER C 18 -12.82 3.49 4.14
N LYS C 19 -11.71 3.09 4.74
CA LYS C 19 -11.72 2.19 5.89
C LYS C 19 -12.34 0.82 5.66
N SER C 20 -12.79 0.48 4.45
CA SER C 20 -13.38 -0.83 4.23
C SER C 20 -12.45 -1.97 3.71
N THR C 21 -12.95 -3.20 3.67
CA THR C 21 -12.11 -4.33 3.25
C THR C 21 -12.44 -4.92 1.90
N LEU C 22 -11.46 -4.84 1.01
CA LEU C 22 -11.62 -5.39 -0.32
C LEU C 22 -11.21 -6.85 -0.34
N ILE C 23 -10.13 -7.19 0.34
CA ILE C 23 -9.67 -8.56 0.37
C ILE C 23 -9.41 -9.02 1.79
N HIS C 24 -9.78 -10.26 2.08
CA HIS C 24 -9.60 -10.84 3.42
C HIS C 24 -8.53 -11.91 3.35
N GLN C 25 -7.67 -11.90 4.35
CA GLN C 25 -6.59 -12.86 4.41
C GLN C 25 -7.15 -14.28 4.52
N GLY C 26 -6.49 -15.25 3.91
CA GLY C 26 -6.94 -16.62 4.03
C GLY C 26 -8.12 -17.14 3.22
N GLU C 27 -8.84 -16.26 2.55
CA GLU C 27 -9.97 -16.73 1.78
C GLU C 27 -9.56 -17.20 0.39
N LYS C 28 -10.42 -17.99 -0.22
CA LYS C 28 -10.16 -18.52 -1.54
C LYS C 28 -10.06 -17.36 -2.50
N ALA C 29 -8.97 -17.30 -3.25
CA ALA C 29 -8.77 -16.24 -4.22
C ALA C 29 -9.22 -16.68 -5.62
N GLU C 30 -10.10 -15.90 -6.24
CA GLU C 30 -10.61 -16.23 -7.57
C GLU C 30 -10.82 -14.97 -8.38
N THR C 31 -10.52 -13.83 -7.77
CA THR C 31 -10.74 -12.54 -8.43
C THR C 31 -9.49 -11.69 -8.53
N LEU C 32 -9.43 -10.84 -9.53
CA LEU C 32 -8.29 -9.95 -9.69
C LEU C 32 -8.78 -8.51 -9.55
N TYR C 33 -8.00 -7.63 -8.95
CA TYR C 33 -8.47 -6.26 -8.82
C TYR C 33 -7.53 -5.30 -9.49
N TYR C 34 -8.05 -4.15 -9.87
CA TYR C 34 -7.26 -3.13 -10.51
C TYR C 34 -7.79 -1.82 -9.96
N ILE C 35 -6.95 -1.07 -9.28
CA ILE C 35 -7.40 0.15 -8.70
C ILE C 35 -7.54 1.21 -9.78
N VAL C 36 -8.77 1.58 -10.06
CA VAL C 36 -9.10 2.59 -11.05
C VAL C 36 -8.94 3.98 -10.44
N LYS C 37 -9.25 4.08 -9.15
CA LYS C 37 -9.14 5.35 -8.45
C LYS C 37 -9.17 5.08 -6.95
N GLY C 38 -8.36 5.81 -6.19
CA GLY C 38 -8.27 5.64 -4.74
C GLY C 38 -6.99 4.94 -4.26
N SER C 39 -6.83 4.88 -2.94
CA SER C 39 -5.66 4.24 -2.32
C SER C 39 -6.07 3.19 -1.30
N VAL C 40 -5.33 2.08 -1.28
CA VAL C 40 -5.59 1.02 -0.33
C VAL C 40 -4.33 0.70 0.44
N ALA C 41 -4.47 -0.15 1.45
CA ALA C 41 -3.36 -0.57 2.28
C ALA C 41 -3.39 -2.09 2.32
N VAL C 42 -2.21 -2.67 2.20
CA VAL C 42 -2.04 -4.12 2.28
C VAL C 42 -1.48 -4.41 3.66
N LEU C 43 -2.20 -5.16 4.48
CA LEU C 43 -1.65 -5.46 5.80
C LEU C 43 -1.71 -6.94 6.21
N ILE C 44 -0.80 -7.34 7.10
CA ILE C 44 -0.76 -8.69 7.64
C ILE C 44 -0.91 -8.56 9.15
N LYS C 45 -1.21 -9.65 9.85
CA LYS C 45 -1.41 -9.56 11.30
C LYS C 45 -0.71 -10.61 12.15
N ASP C 46 -0.58 -10.32 13.44
CA ASP C 46 -0.01 -11.27 14.36
C ASP C 46 -1.23 -11.86 15.03
N GLU C 47 -1.03 -12.91 15.83
CA GLU C 47 -2.13 -13.59 16.51
C GLU C 47 -2.95 -12.63 17.37
N GLU C 48 -2.29 -11.64 17.95
CA GLU C 48 -2.95 -10.67 18.80
C GLU C 48 -3.83 -9.70 18.03
N GLY C 49 -3.42 -9.33 16.82
CA GLY C 49 -4.21 -8.39 16.04
C GLY C 49 -3.39 -7.17 15.60
N LYS C 50 -2.16 -7.10 16.08
CA LYS C 50 -1.30 -6.02 15.68
C LYS C 50 -1.09 -6.12 14.15
N GLU C 51 -1.30 -5.02 13.44
CA GLU C 51 -1.19 -5.02 12.00
C GLU C 51 0.13 -4.51 11.50
N MET C 52 0.51 -4.96 10.31
CA MET C 52 1.77 -4.58 9.70
C MET C 52 1.56 -4.25 8.23
N ILE C 53 1.59 -2.98 7.89
CA ILE C 53 1.39 -2.59 6.50
C ILE C 53 2.60 -2.99 5.67
N LEU C 54 2.36 -3.67 4.56
CA LEU C 54 3.41 -4.17 3.68
C LEU C 54 3.53 -3.27 2.50
N SER C 55 2.47 -2.52 2.26
CA SER C 55 2.44 -1.63 1.13
C SER C 55 1.16 -0.85 1.10
N TYR C 56 1.18 0.20 0.28
CA TYR C 56 0.04 1.03 0.02
C TYR C 56 -0.10 0.78 -1.50
N LEU C 57 -1.28 0.96 -2.08
CA LEU C 57 -1.43 0.76 -3.52
C LEU C 57 -2.37 1.81 -4.07
N ASN C 58 -2.12 2.24 -5.30
CA ASN C 58 -2.88 3.31 -5.92
C ASN C 58 -3.42 3.06 -7.30
N GLN C 59 -3.95 4.12 -7.88
CA GLN C 59 -4.49 4.00 -9.20
C GLN C 59 -3.48 3.26 -9.99
N GLY C 60 -3.95 2.51 -10.97
CA GLY C 60 -3.03 1.77 -11.79
C GLY C 60 -2.45 0.54 -11.16
N ASP C 61 -2.83 0.18 -9.94
CA ASP C 61 -2.27 -1.03 -9.37
C ASP C 61 -3.19 -2.23 -9.38
N PHE C 62 -2.67 -3.42 -9.61
CA PHE C 62 -3.50 -4.61 -9.55
C PHE C 62 -3.46 -5.10 -8.10
N ILE C 63 -4.51 -5.78 -7.65
CA ILE C 63 -4.54 -6.32 -6.29
C ILE C 63 -5.08 -7.72 -6.42
N GLY C 64 -4.71 -8.61 -5.51
CA GLY C 64 -5.17 -9.99 -5.57
C GLY C 64 -4.63 -10.79 -6.75
N GLU C 65 -3.42 -10.46 -7.20
CA GLU C 65 -2.80 -11.15 -8.32
C GLU C 65 -2.03 -12.37 -7.89
N LEU C 66 -1.69 -12.45 -6.62
CA LEU C 66 -0.86 -13.54 -6.14
C LEU C 66 -1.50 -14.91 -6.21
N GLY C 67 -2.81 -14.96 -6.06
CA GLY C 67 -3.51 -16.23 -6.08
C GLY C 67 -3.94 -16.65 -7.47
N LEU C 68 -3.41 -15.95 -8.47
CA LEU C 68 -3.73 -16.20 -9.86
C LEU C 68 -2.90 -17.25 -10.55
N PHE C 69 -1.88 -17.78 -9.89
CA PHE C 69 -1.02 -18.71 -10.63
C PHE C 69 -1.06 -20.18 -10.25
N GLU C 70 -1.48 -20.46 -9.03
CA GLU C 70 -1.55 -21.84 -8.56
C GLU C 70 -2.94 -22.11 -8.04
N GLU C 71 -3.52 -23.19 -8.53
CA GLU C 71 -4.88 -23.61 -8.16
C GLU C 71 -5.13 -23.58 -6.64
N GLY C 72 -6.36 -23.26 -6.27
CA GLY C 72 -6.73 -23.23 -4.86
C GLY C 72 -5.73 -22.50 -3.98
N GLN C 73 -5.64 -21.21 -4.19
CA GLN C 73 -4.72 -20.40 -3.43
C GLN C 73 -5.54 -19.47 -2.52
N GLU C 74 -4.95 -19.05 -1.41
CA GLU C 74 -5.66 -18.15 -0.49
C GLU C 74 -5.05 -16.75 -0.46
N ARG C 75 -5.89 -15.77 -0.17
CA ARG C 75 -5.44 -14.40 -0.10
C ARG C 75 -4.31 -14.37 0.95
N SER C 76 -3.24 -13.66 0.64
CA SER C 76 -2.09 -13.61 1.50
C SER C 76 -2.10 -12.49 2.51
N ALA C 77 -3.08 -11.61 2.41
CA ALA C 77 -3.10 -10.47 3.30
C ALA C 77 -4.43 -9.76 3.27
N TRP C 78 -4.64 -8.87 4.20
CA TRP C 78 -5.86 -8.10 4.19
C TRP C 78 -5.54 -6.88 3.29
N VAL C 79 -6.54 -6.38 2.58
CA VAL C 79 -6.34 -5.20 1.75
C VAL C 79 -7.52 -4.33 2.20
N ARG C 80 -7.20 -3.14 2.70
CA ARG C 80 -8.21 -2.21 3.22
C ARG C 80 -8.08 -0.88 2.51
N ALA C 81 -9.20 -0.17 2.37
CA ALA C 81 -9.21 1.12 1.67
C ALA C 81 -8.81 2.29 2.52
N LYS C 82 -7.86 3.08 2.01
CA LYS C 82 -7.35 4.26 2.68
C LYS C 82 -8.30 5.39 2.41
N THR C 83 -8.80 5.41 1.19
CA THR C 83 -9.73 6.44 0.82
C THR C 83 -10.89 5.75 0.17
N ALA C 84 -11.73 6.51 -0.50
CA ALA C 84 -12.84 5.90 -1.20
C ALA C 84 -12.17 5.26 -2.41
N CYS C 85 -12.73 4.18 -2.92
CA CYS C 85 -12.13 3.52 -4.08
C CYS C 85 -13.06 3.12 -5.21
N GLU C 86 -12.47 2.97 -6.38
CA GLU C 86 -13.17 2.54 -7.56
C GLU C 86 -12.22 1.48 -8.12
N VAL C 87 -12.56 0.23 -7.86
CA VAL C 87 -11.74 -0.89 -8.27
C VAL C 87 -12.44 -1.64 -9.37
N ALA C 88 -11.65 -2.03 -10.35
CA ALA C 88 -12.14 -2.81 -11.46
C ALA C 88 -11.88 -4.21 -10.95
N GLU C 89 -12.84 -5.10 -11.13
CA GLU C 89 -12.68 -6.46 -10.64
C GLU C 89 -12.98 -7.39 -11.79
N ILE C 90 -12.33 -8.55 -11.79
CA ILE C 90 -12.48 -9.52 -12.86
C ILE C 90 -12.17 -10.90 -12.36
N SER C 91 -12.80 -11.90 -12.95
CA SER C 91 -12.59 -13.29 -12.55
C SER C 91 -11.28 -13.85 -13.08
N TYR C 92 -10.53 -14.53 -12.22
CA TYR C 92 -9.27 -15.12 -12.66
C TYR C 92 -9.51 -15.87 -13.97
N LYS C 93 -10.54 -16.73 -13.94
CA LYS C 93 -10.97 -17.55 -15.07
C LYS C 93 -11.07 -16.66 -16.29
N LYS C 94 -11.72 -15.52 -16.11
CA LYS C 94 -11.87 -14.55 -17.17
C LYS C 94 -10.48 -14.05 -17.56
N PHE C 95 -9.82 -13.35 -16.63
CA PHE C 95 -8.49 -12.78 -16.86
C PHE C 95 -7.59 -13.69 -17.65
N ARG C 96 -7.47 -14.96 -17.21
CA ARG C 96 -6.62 -15.93 -17.90
C ARG C 96 -6.90 -15.88 -19.41
N GLN C 97 -8.18 -15.76 -19.74
CA GLN C 97 -8.61 -15.70 -21.12
C GLN C 97 -8.15 -14.41 -21.82
N LEU C 98 -8.22 -13.27 -21.13
CA LEU C 98 -7.78 -12.01 -21.76
C LEU C 98 -6.31 -12.00 -22.14
N ILE C 99 -5.47 -12.64 -21.31
CA ILE C 99 -4.03 -12.63 -21.55
C ILE C 99 -3.62 -13.62 -22.65
N GLN C 100 -4.57 -14.42 -23.13
CA GLN C 100 -4.28 -15.33 -24.22
C GLN C 100 -4.49 -14.44 -25.43
N VAL C 101 -5.62 -13.77 -25.50
CA VAL C 101 -5.85 -12.88 -26.62
C VAL C 101 -4.72 -11.87 -26.61
N ASN C 102 -4.25 -11.50 -25.41
CA ASN C 102 -3.17 -10.52 -25.30
C ASN C 102 -2.33 -10.72 -24.06
N PRO C 103 -1.22 -11.46 -24.17
CA PRO C 103 -0.32 -11.72 -23.04
C PRO C 103 0.40 -10.46 -22.58
N ASP C 104 0.27 -9.42 -23.39
CA ASP C 104 0.91 -8.16 -23.07
C ASP C 104 0.37 -7.58 -21.78
N ILE C 105 -0.89 -7.88 -21.45
CA ILE C 105 -1.43 -7.36 -20.21
C ILE C 105 -0.79 -8.18 -19.09
N LEU C 106 -0.53 -9.47 -19.34
CA LEU C 106 0.09 -10.29 -18.30
C LEU C 106 1.43 -9.70 -17.95
N MET C 107 2.09 -9.13 -18.96
CA MET C 107 3.40 -8.49 -18.80
C MET C 107 3.26 -7.35 -17.81
N ARG C 108 2.32 -6.47 -18.09
CA ARG C 108 2.05 -5.31 -17.24
C ARG C 108 1.92 -5.68 -15.76
N LEU C 109 1.34 -6.85 -15.52
CA LEU C 109 1.12 -7.33 -14.17
C LEU C 109 2.44 -7.75 -13.57
N SER C 110 3.09 -8.69 -14.25
CA SER C 110 4.38 -9.24 -13.84
C SER C 110 5.39 -8.14 -13.50
N ALA C 111 5.32 -7.04 -14.23
CA ALA C 111 6.20 -5.92 -13.95
C ALA C 111 5.92 -5.46 -12.52
N GLN C 112 4.66 -5.16 -12.26
CA GLN C 112 4.22 -4.71 -10.94
C GLN C 112 4.70 -5.65 -9.85
N MET C 113 4.56 -6.94 -10.10
CA MET C 113 4.99 -7.92 -9.13
C MET C 113 6.50 -7.73 -8.90
N ALA C 114 7.23 -7.51 -10.00
CA ALA C 114 8.67 -7.30 -9.90
C ALA C 114 8.93 -6.10 -9.03
N ARG C 115 8.32 -4.97 -9.33
CA ARG C 115 8.54 -3.80 -8.50
C ARG C 115 8.20 -4.12 -7.04
N ARG C 116 7.04 -4.74 -6.83
CA ARG C 116 6.61 -5.09 -5.49
C ARG C 116 7.63 -5.90 -4.73
N LEU C 117 8.21 -6.89 -5.40
CA LEU C 117 9.20 -7.75 -4.79
C LEU C 117 10.41 -6.94 -4.45
N GLN C 118 10.76 -5.98 -5.31
CA GLN C 118 11.93 -5.14 -5.06
C GLN C 118 11.75 -4.41 -3.75
N VAL C 119 10.69 -3.64 -3.65
CA VAL C 119 10.45 -2.88 -2.45
C VAL C 119 10.25 -3.71 -1.19
N THR C 120 9.63 -4.87 -1.27
CA THR C 120 9.42 -5.67 -0.07
C THR C 120 10.76 -6.07 0.44
N SER C 121 11.62 -6.50 -0.48
CA SER C 121 12.97 -6.89 -0.16
C SER C 121 13.65 -5.68 0.46
N GLU C 122 13.50 -4.54 -0.18
CA GLU C 122 14.09 -3.34 0.34
C GLU C 122 13.59 -3.16 1.76
N LYS C 123 12.32 -3.47 1.97
CA LYS C 123 11.70 -3.36 3.27
C LYS C 123 12.27 -4.39 4.26
N VAL C 124 12.75 -5.52 3.75
CA VAL C 124 13.33 -6.53 4.63
C VAL C 124 14.66 -6.07 5.17
N GLY C 125 15.50 -5.52 4.30
CA GLY C 125 16.78 -5.01 4.76
C GLY C 125 16.59 -3.90 5.78
N ASN C 126 15.56 -3.09 5.59
CA ASN C 126 15.23 -1.99 6.47
C ASN C 126 14.98 -2.44 7.89
N LEU C 127 14.16 -3.46 8.05
CA LEU C 127 13.84 -4.02 9.35
C LEU C 127 15.08 -4.70 9.94
N ALA C 128 15.95 -5.17 9.07
CA ALA C 128 17.12 -5.87 9.52
C ALA C 128 18.27 -4.94 9.81
N PHE C 129 18.41 -3.92 8.99
CA PHE C 129 19.53 -3.03 9.14
C PHE C 129 19.31 -1.71 9.85
N LEU C 130 18.10 -1.15 9.81
CA LEU C 130 17.89 0.14 10.46
C LEU C 130 17.16 0.02 11.77
N ASP C 131 17.42 0.99 12.66
CA ASP C 131 16.77 1.08 13.97
C ASP C 131 15.49 1.89 13.75
N VAL C 132 14.53 1.80 14.65
CA VAL C 132 13.28 2.54 14.48
C VAL C 132 13.42 3.97 13.99
N THR C 133 14.26 4.75 14.68
CA THR C 133 14.49 6.13 14.30
C THR C 133 14.70 6.22 12.80
N GLY C 134 15.70 5.49 12.30
CA GLY C 134 16.03 5.49 10.87
C GLY C 134 14.89 5.12 9.94
N ARG C 135 14.09 4.16 10.40
CA ARG C 135 12.94 3.69 9.66
C ARG C 135 11.88 4.75 9.65
N ILE C 136 11.60 5.34 10.80
CA ILE C 136 10.63 6.42 10.84
C ILE C 136 11.16 7.55 9.95
N ALA C 137 12.42 7.94 10.13
CA ALA C 137 12.99 9.00 9.30
C ALA C 137 12.80 8.77 7.81
N GLN C 138 13.16 7.58 7.34
CA GLN C 138 13.02 7.25 5.93
C GLN C 138 11.56 7.31 5.47
N THR C 139 10.64 7.06 6.40
CA THR C 139 9.22 7.06 6.13
C THR C 139 8.59 8.45 6.00
N LEU C 140 8.97 9.38 6.88
CA LEU C 140 8.44 10.73 6.83
C LEU C 140 8.96 11.34 5.54
N LEU C 141 10.20 10.97 5.20
CA LEU C 141 10.84 11.41 3.96
C LEU C 141 10.04 10.95 2.74
N ASN C 142 9.73 9.65 2.69
CA ASN C 142 8.96 9.09 1.58
C ASN C 142 7.59 9.71 1.59
N LEU C 143 6.95 9.72 2.75
CA LEU C 143 5.63 10.32 2.86
C LEU C 143 5.59 11.75 2.31
N ALA C 144 6.61 12.53 2.62
CA ALA C 144 6.65 13.91 2.18
C ALA C 144 6.86 14.06 0.69
N LYS C 145 7.51 13.09 0.06
CA LYS C 145 7.75 13.17 -1.38
C LYS C 145 6.50 12.72 -2.12
N GLN C 146 5.50 12.23 -1.40
CA GLN C 146 4.28 11.77 -2.03
C GLN C 146 3.47 12.94 -2.55
N PRO C 147 2.72 12.73 -3.64
CA PRO C 147 1.88 13.73 -4.28
C PRO C 147 0.76 14.26 -3.40
N ASP C 148 0.31 13.45 -2.46
CA ASP C 148 -0.79 13.88 -1.60
C ASP C 148 -0.26 14.71 -0.44
N ALA C 149 1.06 14.88 -0.40
CA ALA C 149 1.68 15.69 0.64
C ALA C 149 1.36 17.16 0.40
N MET C 150 1.08 17.87 1.49
CA MET C 150 0.75 19.29 1.47
C MET C 150 2.01 20.13 1.43
N THR C 151 1.99 21.18 0.63
CA THR C 151 3.14 22.06 0.53
C THR C 151 3.05 23.12 1.64
N HIS C 152 4.15 23.28 2.38
CA HIS C 152 4.16 24.21 3.51
C HIS C 152 5.39 25.12 3.45
N PRO C 153 5.29 26.33 4.02
CA PRO C 153 6.42 27.28 4.02
C PRO C 153 7.78 26.77 4.52
N ASP C 154 7.80 25.84 5.45
CA ASP C 154 9.08 25.38 5.96
C ASP C 154 9.50 24.02 5.43
N GLY C 155 8.68 23.45 4.55
CA GLY C 155 9.00 22.14 3.99
C GLY C 155 7.73 21.48 3.48
N MET C 156 7.55 20.20 3.76
CA MET C 156 6.36 19.48 3.31
C MET C 156 5.53 19.07 4.52
N GLN C 157 4.21 19.04 4.35
CA GLN C 157 3.28 18.72 5.43
C GLN C 157 2.48 17.47 5.14
N ILE C 158 2.54 16.49 6.05
CA ILE C 158 1.82 15.22 5.89
C ILE C 158 0.85 15.04 7.03
N LYS C 159 -0.09 14.10 6.92
CA LYS C 159 -1.05 13.83 8.01
C LYS C 159 -1.11 12.34 8.24
N ILE C 160 -0.90 11.90 9.47
CA ILE C 160 -0.87 10.47 9.78
C ILE C 160 -0.68 10.27 11.27
N THR C 161 -1.21 9.19 11.81
CA THR C 161 -1.05 8.95 13.23
C THR C 161 0.21 8.19 13.62
N ARG C 162 0.63 8.40 14.85
CA ARG C 162 1.79 7.74 15.41
C ARG C 162 1.52 6.23 15.31
N GLN C 163 0.26 5.87 15.49
CA GLN C 163 -0.17 4.50 15.44
C GLN C 163 0.14 3.87 14.09
N GLU C 164 -0.20 4.54 13.00
CA GLU C 164 0.04 4.01 11.66
C GLU C 164 1.51 4.03 11.22
N ILE C 165 2.28 4.99 11.70
CA ILE C 165 3.68 5.03 11.34
C ILE C 165 4.24 3.78 12.00
N GLY C 166 3.62 3.41 13.12
CA GLY C 166 4.10 2.25 13.82
C GLY C 166 3.87 0.95 13.09
N GLN C 167 2.76 0.92 12.34
CA GLN C 167 2.36 -0.25 11.58
C GLN C 167 3.11 -0.25 10.27
N ILE C 168 3.88 0.81 10.05
CA ILE C 168 4.67 0.88 8.84
C ILE C 168 6.13 0.49 9.16
N VAL C 169 6.70 1.11 10.18
CA VAL C 169 8.07 0.82 10.56
C VAL C 169 8.17 -0.41 11.47
N GLY C 170 7.02 -0.91 11.90
CA GLY C 170 6.99 -2.06 12.76
C GLY C 170 7.45 -1.83 14.18
N CYS C 171 6.85 -0.86 14.87
CA CYS C 171 7.21 -0.59 16.28
C CYS C 171 5.95 -0.19 17.08
N SER C 172 6.11 0.14 18.36
CA SER C 172 4.94 0.52 19.11
C SER C 172 4.69 2.01 18.93
N ARG C 173 3.40 2.34 18.92
CA ARG C 173 2.93 3.70 18.74
C ARG C 173 3.60 4.59 19.77
N GLU C 174 3.96 4.02 20.92
CA GLU C 174 4.64 4.75 21.98
C GLU C 174 6.04 5.12 21.50
N THR C 175 6.70 4.17 20.84
CA THR C 175 8.05 4.41 20.35
C THR C 175 8.06 5.46 19.25
N VAL C 176 6.99 5.51 18.48
CA VAL C 176 6.90 6.48 17.40
C VAL C 176 6.84 7.85 18.03
N GLY C 177 5.81 8.03 18.88
CA GLY C 177 5.60 9.29 19.58
C GLY C 177 6.85 9.87 20.20
N ARG C 178 7.68 9.01 20.77
CA ARG C 178 8.93 9.44 21.40
C ARG C 178 9.98 9.83 20.38
N ILE C 179 10.13 9.03 19.32
CA ILE C 179 11.12 9.33 18.30
C ILE C 179 10.69 10.62 17.66
N LEU C 180 9.38 10.78 17.50
CA LEU C 180 8.85 11.99 16.90
C LEU C 180 9.34 13.17 17.70
N LYS C 181 9.04 13.18 18.99
CA LYS C 181 9.48 14.27 19.88
C LYS C 181 10.97 14.55 19.76
N MET C 182 11.78 13.50 19.60
CA MET C 182 13.22 13.69 19.42
C MET C 182 13.53 14.37 18.07
N LEU C 183 12.81 13.97 17.03
CA LEU C 183 13.09 14.55 15.74
C LEU C 183 12.70 16.03 15.74
N GLU C 184 11.74 16.36 16.59
CA GLU C 184 11.37 17.76 16.70
C GLU C 184 12.43 18.39 17.61
N ASP C 185 12.73 17.71 18.72
CA ASP C 185 13.76 18.17 19.63
C ASP C 185 14.97 18.55 18.82
N GLN C 186 15.19 17.87 17.69
CA GLN C 186 16.34 18.20 16.87
C GLN C 186 16.02 19.13 15.69
N ASN C 187 14.88 19.80 15.75
CA ASN C 187 14.41 20.72 14.69
C ASN C 187 14.33 20.09 13.30
N LEU C 188 14.03 18.81 13.22
CA LEU C 188 13.93 18.15 11.93
C LEU C 188 12.49 18.13 11.45
N ILE C 189 11.57 18.06 12.39
CA ILE C 189 10.18 18.08 12.05
C ILE C 189 9.46 18.91 13.09
N SER C 190 8.16 19.03 12.92
CA SER C 190 7.35 19.77 13.84
C SER C 190 5.96 19.14 13.83
N ALA C 191 5.68 18.31 14.83
CA ALA C 191 4.39 17.64 14.87
C ALA C 191 3.41 18.21 15.85
N HIS C 192 2.16 18.37 15.40
CA HIS C 192 1.04 18.82 16.22
C HIS C 192 -0.08 17.92 15.78
N GLY C 193 -0.47 16.96 16.61
CA GLY C 193 -1.53 16.04 16.25
C GLY C 193 -1.11 15.17 15.07
N LYS C 194 -2.05 14.82 14.19
CA LYS C 194 -1.75 13.98 13.03
C LYS C 194 -0.87 14.76 12.05
N THR C 195 -0.79 16.05 12.24
CA THR C 195 -0.01 16.87 11.33
C THR C 195 1.47 16.93 11.67
N ILE C 196 2.29 16.70 10.66
CA ILE C 196 3.73 16.70 10.84
C ILE C 196 4.32 17.48 9.71
N VAL C 197 5.13 18.47 10.07
CA VAL C 197 5.81 19.19 9.05
C VAL C 197 7.24 18.63 9.05
N VAL C 198 7.65 18.09 7.89
CA VAL C 198 8.99 17.56 7.74
C VAL C 198 9.70 18.75 7.14
N TYR C 199 10.60 19.36 7.91
CA TYR C 199 11.31 20.53 7.44
C TYR C 199 12.25 20.21 6.29
N GLY C 200 12.44 21.19 5.41
CA GLY C 200 13.31 21.02 4.27
C GLY C 200 14.58 21.81 4.43
P CMP D . -3.63 -11.87 -2.87
O1P CMP D . -2.78 -12.93 -2.26
O2P CMP D . -4.65 -12.26 -3.85
O5' CMP D . -4.35 -11.03 -1.71
C5' CMP D . -3.69 -9.94 -1.03
C4' CMP D . -3.06 -9.06 -2.04
O4' CMP D . -2.26 -7.97 -1.48
C3' CMP D . -2.02 -9.81 -2.83
O3' CMP D . -2.70 -10.79 -3.62
C2' CMP D . -1.32 -8.67 -3.54
O2' CMP D . -2.12 -8.08 -4.56
C1' CMP D . -1.18 -7.68 -2.37
N9 CMP D . 0.08 -7.90 -1.67
C8 CMP D . 0.44 -8.97 -0.89
N7 CMP D . 1.66 -8.90 -0.42
C5 CMP D . 2.14 -7.70 -0.93
C6 CMP D . 3.38 -7.05 -0.78
N6 CMP D . 4.39 -7.52 -0.05
N1 CMP D . 3.55 -5.86 -1.41
C2 CMP D . 2.51 -5.36 -2.11
N3 CMP D . 1.30 -5.89 -2.32
C4 CMP D . 1.18 -7.07 -1.70
P CMP E . 0.57 0.15 18.25
O1P CMP E . 1.48 0.02 19.43
O2P CMP E . -0.83 0.66 18.42
O5' CMP E . 1.29 1.04 17.11
C5' CMP E . 2.13 0.46 16.10
C4' CMP E . 1.52 -0.83 15.65
O4' CMP E . 2.28 -1.55 14.65
C3' CMP E . 1.44 -1.81 16.79
O3' CMP E . 0.43 -1.34 17.63
C2' CMP E . 1.10 -3.09 16.05
O2' CMP E . -0.29 -3.08 15.72
C1' CMP E . 2.00 -2.95 14.80
N9 CMP E . 3.28 -3.67 14.85
C8 CMP E . 3.98 -4.22 13.82
N7 CMP E . 5.09 -4.80 14.17
C5 CMP E . 5.13 -4.62 15.55
C6 CMP E . 6.09 -4.99 16.53
N6 CMP E . 7.21 -5.67 16.28
N1 CMP E . 5.84 -4.61 17.82
C2 CMP E . 4.72 -3.94 18.07
N3 CMP E . 3.75 -3.55 17.24
C4 CMP E . 4.03 -3.92 15.97
#